data_8C6L
#
_entry.id   8C6L
#
_cell.length_a   58.446
_cell.length_b   46.362
_cell.length_c   63.255
_cell.angle_alpha   90.000
_cell.angle_beta   112.020
_cell.angle_gamma   90.000
#
_symmetry.space_group_name_H-M   'P 1 21 1'
#
loop_
_entity.id
_entity.type
_entity.pdbx_description
1 polymer 'Casein kinase II subunit alpha'
2 non-polymer 1,2-ETHANEDIOL
3 non-polymer 5-azanyl-3-[(~{Z})-1-cyano-2-(3-methoxy-4-oxidanyl-phenyl)ethenyl]-3~{H}-pyrazole-4-carbonitrile
4 non-polymer 'SULFATE ION'
5 water water
#
_entity_poly.entity_id   1
_entity_poly.type   'polypeptide(L)'
_entity_poly.pdbx_seq_one_letter_code
;MSGPVPSRARVYTDVNTHRPREYWDYESHVVEWGNQDDYQLVRKLGRGKYSEVFEAINITNNEKVVVKILKPVKKKKIKR
EIKILENLRGGPNIITLADIVKDPVSRTPALVFEHVNNTDFKQLYQTLTDYDIRFYMYEILKALDYCHSMGIMHRDVKPH
NVMIDHEHRKLRLIDWGLAEFYHPGQEYNVRVASRYFKGPELLVDYQMYDYSLDMWSLGCMLASMIFRKEPFFHGHDNYD
QLVRIAKVLGTEDLYDYIDKYNIELDPRFNDILGRHSRKRWERFVHSENQHLVSPEALDFLDKLLRYDHQSRLTAREAME
HPYFYTVVKDQARMGS
;
_entity_poly.pdbx_strand_id   A
#
loop_
_chem_comp.id
_chem_comp.type
_chem_comp.name
_chem_comp.formula
EDO non-polymer 1,2-ETHANEDIOL 'C2 H6 O2'
SO4 non-polymer 'SULFATE ION' 'O4 S -2'
TO6 non-polymer 5-azanyl-3-[(~{Z})-1-cyano-2-(3-methoxy-4-oxidanyl-phenyl)ethenyl]-3~{H}-pyrazole-4-carbonitrile 'C14 H11 N5 O2'
#
# COMPACT_ATOMS: atom_id res chain seq x y z
N GLY A 3 0.19 9.22 28.76
CA GLY A 3 -0.29 9.18 27.38
C GLY A 3 0.74 8.62 26.42
N PRO A 4 0.33 8.36 25.17
CA PRO A 4 1.27 7.79 24.20
C PRO A 4 2.38 8.78 23.87
N VAL A 5 3.56 8.23 23.60
CA VAL A 5 4.70 9.04 23.20
C VAL A 5 4.52 9.43 21.74
N PRO A 6 4.72 10.69 21.37
CA PRO A 6 4.55 11.10 19.98
C PRO A 6 5.63 10.52 19.06
N SER A 7 5.33 10.51 17.77
CA SER A 7 6.21 9.98 16.74
C SER A 7 6.17 10.89 15.52
N ARG A 8 7.30 10.94 14.80
CA ARG A 8 7.46 11.67 13.55
C ARG A 8 8.08 10.74 12.51
N ALA A 9 7.71 10.95 11.25
CA ALA A 9 8.42 10.29 10.17
C ALA A 9 9.89 10.72 10.18
N ARG A 10 10.78 9.79 9.84
CA ARG A 10 12.19 10.13 9.80
C ARG A 10 12.60 10.73 8.47
N VAL A 11 11.70 10.76 7.48
CA VAL A 11 11.96 11.35 6.19
C VAL A 11 10.70 12.09 5.74
N TYR A 12 10.90 13.05 4.83
CA TYR A 12 9.78 13.78 4.22
C TYR A 12 8.85 14.33 5.28
N THR A 13 9.42 14.70 6.42
CA THR A 13 8.59 15.07 7.56
C THR A 13 7.80 16.34 7.29
N ASP A 14 8.43 17.32 6.63
CA ASP A 14 7.88 18.66 6.53
C ASP A 14 7.46 19.02 5.11
N VAL A 15 7.18 18.02 4.25
CA VAL A 15 6.95 18.34 2.85
C VAL A 15 5.65 19.13 2.69
N ASN A 16 4.60 18.78 3.43
CA ASN A 16 3.33 19.50 3.30
C ASN A 16 3.31 20.83 4.01
N THR A 17 4.12 21.01 5.05
CA THR A 17 4.16 22.31 5.70
C THR A 17 4.77 23.37 4.77
N HIS A 18 5.71 22.97 3.93
CA HIS A 18 6.38 23.92 3.03
C HIS A 18 5.75 24.00 1.65
N ARG A 19 4.83 23.09 1.34
CA ARG A 19 3.98 23.25 0.17
C ARG A 19 2.97 24.36 0.40
N PRO A 20 2.43 24.95 -0.67
CA PRO A 20 1.30 25.86 -0.49
C PRO A 20 0.10 25.12 0.07
N ARG A 21 -0.74 25.85 0.80
CA ARG A 21 -1.88 25.21 1.47
C ARG A 21 -2.79 24.51 0.47
N GLU A 22 -2.95 25.08 -0.73
CA GLU A 22 -3.80 24.46 -1.74
C GLU A 22 -3.40 23.02 -2.02
N TYR A 23 -2.13 22.66 -1.80
CA TYR A 23 -1.64 21.33 -2.15
C TYR A 23 -2.26 20.24 -1.28
N TRP A 24 -2.46 20.52 0.02
CA TRP A 24 -2.93 19.49 0.95
C TRP A 24 -4.31 19.79 1.52
N ASP A 25 -4.81 21.02 1.37
CA ASP A 25 -6.14 21.39 1.85
C ASP A 25 -7.18 20.93 0.82
N TYR A 26 -7.39 19.61 0.79
CA TYR A 26 -8.24 19.03 -0.25
C TYR A 26 -9.71 19.45 -0.13
N GLU A 27 -10.17 19.81 1.07
CA GLU A 27 -11.57 20.21 1.23
C GLU A 27 -11.90 21.46 0.41
N SER A 28 -10.89 22.25 0.07
CA SER A 28 -11.07 23.47 -0.72
C SER A 28 -10.93 23.23 -2.21
N HIS A 29 -10.58 22.02 -2.61
CA HIS A 29 -10.33 21.74 -4.01
C HIS A 29 -11.61 21.93 -4.83
N VAL A 30 -11.46 22.57 -5.99
CA VAL A 30 -12.56 22.75 -6.93
C VAL A 30 -12.38 21.75 -8.07
N VAL A 31 -13.30 20.80 -8.18
CA VAL A 31 -13.16 19.76 -9.19
C VAL A 31 -13.44 20.36 -10.56
N GLU A 32 -12.58 20.02 -11.52
CA GLU A 32 -12.80 20.38 -12.91
C GLU A 32 -13.40 19.17 -13.62
N TRP A 33 -14.65 19.32 -14.07
CA TRP A 33 -15.43 18.21 -14.58
C TRP A 33 -15.26 18.09 -16.09
N GLY A 34 -15.03 16.87 -16.56
CA GLY A 34 -14.99 16.60 -17.99
C GLY A 34 -16.39 16.35 -18.54
N ASN A 35 -16.41 15.82 -19.76
CA ASN A 35 -17.64 15.54 -20.50
C ASN A 35 -18.02 14.08 -20.30
N GLN A 36 -19.11 13.84 -19.56
CA GLN A 36 -19.47 12.47 -19.22
C GLN A 36 -19.79 11.64 -20.46
N ASP A 37 -20.31 12.27 -21.52
CA ASP A 37 -20.62 11.54 -22.75
C ASP A 37 -19.37 11.08 -23.50
N ASP A 38 -18.16 11.49 -23.07
CA ASP A 38 -16.94 11.04 -23.74
C ASP A 38 -16.65 9.56 -23.51
N TYR A 39 -17.32 8.92 -22.54
CA TYR A 39 -16.95 7.58 -22.08
C TYR A 39 -18.15 6.67 -22.17
N GLN A 40 -17.97 5.51 -22.80
CA GLN A 40 -19.01 4.49 -22.92
C GLN A 40 -18.54 3.26 -22.16
N LEU A 41 -19.32 2.84 -21.17
CA LEU A 41 -18.96 1.67 -20.36
C LEU A 41 -19.08 0.41 -21.20
N VAL A 42 -18.14 -0.51 -21.02
CA VAL A 42 -18.04 -1.72 -21.82
C VAL A 42 -18.34 -2.97 -20.99
N ARG A 43 -17.72 -3.09 -19.82
CA ARG A 43 -17.91 -4.26 -18.98
C ARG A 43 -17.55 -3.92 -17.54
N LYS A 44 -18.29 -4.49 -16.61
CA LYS A 44 -18.01 -4.28 -15.20
C LYS A 44 -16.80 -5.12 -14.81
N LEU A 45 -15.81 -4.48 -14.19
CA LEU A 45 -14.61 -5.20 -13.75
C LEU A 45 -14.69 -5.65 -12.31
N GLY A 46 -15.26 -4.83 -11.43
CA GLY A 46 -15.30 -5.18 -10.02
C GLY A 46 -16.13 -4.19 -9.25
N ARG A 47 -16.46 -4.59 -8.02
CA ARG A 47 -17.14 -3.74 -7.05
C ARG A 47 -16.40 -3.85 -5.73
N GLY A 48 -16.03 -2.71 -5.16
CA GLY A 48 -15.42 -2.66 -3.85
C GLY A 48 -16.35 -2.04 -2.82
N LYS A 49 -15.78 -1.83 -1.64
CA LYS A 49 -16.53 -1.15 -0.58
C LYS A 49 -16.95 0.25 -0.99
N TYR A 50 -16.14 0.92 -1.81
CA TYR A 50 -16.32 2.35 -2.07
C TYR A 50 -16.57 2.70 -3.54
N SER A 51 -16.52 1.72 -4.46
CA SER A 51 -16.66 2.05 -5.87
C SER A 51 -17.06 0.81 -6.65
N GLU A 52 -17.54 1.06 -7.87
CA GLU A 52 -17.67 0.07 -8.93
C GLU A 52 -16.74 0.47 -10.06
N VAL A 53 -16.08 -0.51 -10.66
CA VAL A 53 -15.02 -0.26 -11.64
C VAL A 53 -15.42 -0.86 -12.98
N PHE A 54 -15.32 -0.07 -14.03
CA PHE A 54 -15.72 -0.47 -15.38
C PHE A 54 -14.57 -0.29 -16.35
N GLU A 55 -14.48 -1.22 -17.30
CA GLU A 55 -13.73 -0.94 -18.52
C GLU A 55 -14.62 -0.14 -19.45
N ALA A 56 -14.04 0.89 -20.07
CA ALA A 56 -14.76 1.79 -20.94
C ALA A 56 -13.90 2.16 -22.13
N ILE A 57 -14.51 2.83 -23.10
CA ILE A 57 -13.82 3.40 -24.24
C ILE A 57 -14.03 4.91 -24.21
N ASN A 58 -12.95 5.66 -24.36
CA ASN A 58 -13.02 7.10 -24.56
C ASN A 58 -13.27 7.37 -26.03
N ILE A 59 -14.48 7.82 -26.38
CA ILE A 59 -14.86 7.89 -27.79
C ILE A 59 -14.22 9.09 -28.48
N THR A 60 -13.49 9.94 -27.75
CA THR A 60 -12.75 11.01 -28.41
C THR A 60 -11.41 10.54 -28.97
N ASN A 61 -10.89 9.40 -28.50
CA ASN A 61 -9.68 8.80 -29.06
C ASN A 61 -9.81 7.30 -29.29
N ASN A 62 -10.98 6.71 -28.99
CA ASN A 62 -11.21 5.27 -29.11
C ASN A 62 -10.16 4.45 -28.36
N GLU A 63 -9.68 4.98 -27.24
CA GLU A 63 -8.74 4.27 -26.38
C GLU A 63 -9.46 3.70 -25.17
N LYS A 64 -8.99 2.55 -24.71
CA LYS A 64 -9.51 1.96 -23.48
C LYS A 64 -9.16 2.83 -22.28
N VAL A 65 -10.10 2.92 -21.34
CA VAL A 65 -9.90 3.57 -20.05
C VAL A 65 -10.61 2.73 -18.99
N VAL A 66 -10.34 3.05 -17.74
CA VAL A 66 -11.06 2.46 -16.61
C VAL A 66 -11.87 3.58 -15.98
N VAL A 67 -13.13 3.28 -15.66
CA VAL A 67 -14.02 4.25 -15.02
C VAL A 67 -14.40 3.73 -13.66
N LYS A 68 -14.15 4.53 -12.63
CA LYS A 68 -14.39 4.15 -11.24
C LYS A 68 -15.49 5.04 -10.70
N ILE A 69 -16.70 4.50 -10.64
CA ILE A 69 -17.86 5.27 -10.18
C ILE A 69 -17.93 5.12 -8.67
N LEU A 70 -17.72 6.22 -7.96
CA LEU A 70 -17.63 6.18 -6.51
C LEU A 70 -19.00 5.97 -5.89
N LYS A 71 -19.04 5.15 -4.83
CA LYS A 71 -20.24 5.02 -4.03
C LYS A 71 -20.40 6.28 -3.17
N PRO A 72 -21.62 6.60 -2.75
CA PRO A 72 -21.81 7.79 -1.91
C PRO A 72 -21.03 7.72 -0.61
N VAL A 73 -20.03 8.60 -0.47
CA VAL A 73 -19.29 8.78 0.77
C VAL A 73 -19.14 10.27 1.03
N LYS A 74 -18.39 10.62 2.06
CA LYS A 74 -18.29 12.07 2.33
C LYS A 74 -17.47 12.77 1.24
N LYS A 75 -17.92 13.95 0.89
CA LYS A 75 -17.23 14.74 -0.14
C LYS A 75 -15.78 14.98 0.24
N LYS A 76 -15.47 14.93 1.54
CA LYS A 76 -14.07 15.00 1.97
C LYS A 76 -13.27 13.83 1.45
N LYS A 77 -13.78 12.61 1.64
CA LYS A 77 -13.05 11.44 1.15
C LYS A 77 -12.96 11.44 -0.37
N ILE A 78 -13.99 11.93 -1.05
CA ILE A 78 -13.95 12.01 -2.51
C ILE A 78 -12.91 13.03 -2.95
N LYS A 79 -12.97 14.25 -2.39
CA LYS A 79 -12.01 15.28 -2.75
C LYS A 79 -10.61 14.90 -2.33
N ARG A 80 -10.48 14.15 -1.24
CA ARG A 80 -9.16 13.70 -0.82
C ARG A 80 -8.50 12.86 -1.92
N GLU A 81 -9.22 11.85 -2.40
CA GLU A 81 -8.67 10.97 -3.43
C GLU A 81 -8.36 11.74 -4.71
N ILE A 82 -9.26 12.63 -5.11
CA ILE A 82 -9.05 13.42 -6.33
C ILE A 82 -7.81 14.28 -6.20
N LYS A 83 -7.70 15.02 -5.09
CA LYS A 83 -6.54 15.89 -4.92
C LYS A 83 -5.24 15.10 -4.91
N ILE A 84 -5.23 13.96 -4.22
CA ILE A 84 -4.03 13.13 -4.20
C ILE A 84 -3.69 12.64 -5.60
N LEU A 85 -4.69 12.20 -6.35
CA LEU A 85 -4.45 11.73 -7.71
C LEU A 85 -3.91 12.86 -8.59
N GLU A 86 -4.39 14.08 -8.41
CA GLU A 86 -3.88 15.18 -9.23
C GLU A 86 -2.47 15.58 -8.79
N ASN A 87 -2.22 15.57 -7.48
CA ASN A 87 -0.88 15.86 -6.98
C ASN A 87 0.17 14.88 -7.49
N LEU A 88 -0.19 13.59 -7.61
CA LEU A 88 0.76 12.55 -7.95
C LEU A 88 0.81 12.21 -9.45
N ARG A 89 -0.08 12.79 -10.25
CA ARG A 89 -0.15 12.44 -11.67
C ARG A 89 1.18 12.69 -12.36
N GLY A 90 1.60 11.72 -13.19
CA GLY A 90 2.89 11.78 -13.84
C GLY A 90 4.04 11.14 -13.07
N GLY A 91 3.83 10.78 -11.81
CA GLY A 91 4.88 10.17 -11.01
C GLY A 91 5.13 8.74 -11.45
N PRO A 92 6.32 8.21 -11.16
CA PRO A 92 6.66 6.84 -11.57
C PRO A 92 5.66 5.84 -11.04
N ASN A 93 5.05 5.08 -11.95
CA ASN A 93 4.23 3.91 -11.61
C ASN A 93 2.97 4.26 -10.82
N ILE A 94 2.57 5.53 -10.85
CA ILE A 94 1.32 6.00 -10.25
C ILE A 94 0.24 5.92 -11.33
N ILE A 95 -0.90 5.31 -11.00
CA ILE A 95 -2.00 5.27 -11.98
C ILE A 95 -2.37 6.69 -12.35
N THR A 96 -2.68 6.91 -13.64
CA THR A 96 -2.89 8.26 -14.18
C THR A 96 -4.38 8.56 -14.19
N LEU A 97 -4.78 9.60 -13.46
CA LEU A 97 -6.14 10.11 -13.56
C LEU A 97 -6.25 10.92 -14.85
N ALA A 98 -7.12 10.48 -15.76
CA ALA A 98 -7.28 11.16 -17.03
C ALA A 98 -8.41 12.19 -17.01
N ASP A 99 -9.45 11.94 -16.23
CA ASP A 99 -10.64 12.80 -16.25
C ASP A 99 -11.49 12.49 -15.02
N ILE A 100 -12.44 13.38 -14.77
CA ILE A 100 -13.43 13.27 -13.70
C ILE A 100 -14.74 13.74 -14.27
N VAL A 101 -15.78 12.89 -14.21
CA VAL A 101 -17.09 13.24 -14.76
C VAL A 101 -18.15 12.97 -13.70
N LYS A 102 -19.30 13.65 -13.86
CA LYS A 102 -20.45 13.42 -13.00
C LYS A 102 -21.30 12.30 -13.60
N ASP A 103 -21.41 11.18 -12.90
CA ASP A 103 -22.28 10.13 -13.42
C ASP A 103 -23.74 10.49 -13.17
N PRO A 104 -24.60 10.47 -14.19
CA PRO A 104 -26.00 10.90 -13.99
C PRO A 104 -26.85 9.87 -13.25
N VAL A 105 -26.45 8.61 -13.22
CA VAL A 105 -27.25 7.58 -12.55
C VAL A 105 -26.90 7.49 -11.09
N SER A 106 -25.61 7.41 -10.79
CA SER A 106 -25.16 7.31 -9.41
C SER A 106 -25.25 8.64 -8.68
N ARG A 107 -25.24 9.76 -9.41
CA ARG A 107 -25.18 11.10 -8.82
C ARG A 107 -23.92 11.27 -7.97
N THR A 108 -22.84 10.62 -8.38
CA THR A 108 -21.53 10.71 -7.72
C THR A 108 -20.47 10.92 -8.79
N PRO A 109 -19.24 11.26 -8.38
CA PRO A 109 -18.16 11.37 -9.37
C PRO A 109 -17.71 10.03 -9.88
N ALA A 110 -17.31 10.02 -11.15
CA ALA A 110 -16.70 8.86 -11.81
C ALA A 110 -15.29 9.27 -12.23
N LEU A 111 -14.29 8.63 -11.63
CA LEU A 111 -12.91 8.88 -11.99
C LEU A 111 -12.52 8.03 -13.20
N VAL A 112 -11.83 8.65 -14.15
CA VAL A 112 -11.42 8.00 -15.39
C VAL A 112 -9.91 7.88 -15.38
N PHE A 113 -9.42 6.64 -15.53
CA PHE A 113 -8.00 6.34 -15.44
C PHE A 113 -7.49 5.74 -16.74
N GLU A 114 -6.18 5.92 -16.97
CA GLU A 114 -5.46 5.09 -17.94
C GLU A 114 -5.79 3.62 -17.70
N HIS A 115 -5.90 2.87 -18.78
CA HIS A 115 -6.14 1.43 -18.69
C HIS A 115 -4.80 0.70 -18.59
N VAL A 116 -4.72 -0.23 -17.65
CA VAL A 116 -3.59 -1.16 -17.54
C VAL A 116 -4.13 -2.54 -17.89
N ASN A 117 -3.53 -3.17 -18.89
CA ASN A 117 -3.97 -4.51 -19.29
C ASN A 117 -3.36 -5.49 -18.31
N ASN A 118 -4.05 -5.69 -17.20
CA ASN A 118 -3.51 -6.36 -16.03
C ASN A 118 -3.52 -7.87 -16.19
N THR A 119 -2.43 -8.51 -15.78
CA THR A 119 -2.37 -9.96 -15.69
C THR A 119 -3.03 -10.39 -14.39
N ASP A 120 -3.94 -11.37 -14.44
CA ASP A 120 -4.63 -11.75 -13.21
C ASP A 120 -3.61 -12.17 -12.15
N PHE A 121 -3.96 -11.88 -10.89
CA PHE A 121 -3.02 -12.02 -9.78
C PHE A 121 -2.72 -13.47 -9.43
N LYS A 122 -3.60 -14.40 -9.81
CA LYS A 122 -3.30 -15.82 -9.63
C LYS A 122 -2.18 -16.25 -10.58
N GLN A 123 -2.37 -16.01 -11.87
CA GLN A 123 -1.33 -16.27 -12.85
C GLN A 123 -0.02 -15.57 -12.48
N LEU A 124 -0.11 -14.32 -12.02
CA LEU A 124 1.09 -13.61 -11.62
C LEU A 124 1.76 -14.30 -10.45
N TYR A 125 1.01 -14.54 -9.38
CA TYR A 125 1.60 -15.08 -8.17
C TYR A 125 2.25 -16.43 -8.44
N GLN A 126 1.62 -17.28 -9.23
CA GLN A 126 2.20 -18.64 -9.40
C GLN A 126 3.35 -18.70 -10.42
N THR A 127 3.55 -17.66 -11.24
CA THR A 127 4.54 -17.76 -12.30
C THR A 127 5.66 -16.73 -12.26
N LEU A 128 5.58 -15.71 -11.42
CA LEU A 128 6.66 -14.73 -11.35
C LEU A 128 7.95 -15.39 -10.85
N THR A 129 9.06 -15.11 -11.52
CA THR A 129 10.34 -15.68 -11.16
C THR A 129 11.01 -14.86 -10.05
N ASP A 130 12.13 -15.38 -9.55
CA ASP A 130 12.96 -14.60 -8.64
C ASP A 130 13.29 -13.24 -9.24
N TYR A 131 13.76 -13.22 -10.48
CA TYR A 131 14.08 -11.95 -11.13
C TYR A 131 12.83 -11.08 -11.28
N ASP A 132 11.69 -11.66 -11.63
CA ASP A 132 10.45 -10.88 -11.73
C ASP A 132 10.12 -10.21 -10.39
N ILE A 133 10.27 -10.93 -9.28
CA ILE A 133 9.88 -10.38 -7.98
C ILE A 133 10.75 -9.20 -7.60
N ARG A 134 12.06 -9.30 -7.82
CA ARG A 134 12.94 -8.17 -7.52
C ARG A 134 12.59 -6.97 -8.41
N PHE A 135 12.38 -7.23 -9.71
CA PHE A 135 12.01 -6.17 -10.64
C PHE A 135 10.76 -5.43 -10.21
N TYR A 136 9.71 -6.15 -9.88
CA TYR A 136 8.46 -5.48 -9.58
C TYR A 136 8.45 -4.86 -8.18
N MET A 137 9.18 -5.46 -7.22
CA MET A 137 9.38 -4.78 -5.95
C MET A 137 10.03 -3.43 -6.16
N TYR A 138 11.03 -3.37 -7.03
CA TYR A 138 11.71 -2.11 -7.30
C TYR A 138 10.76 -1.11 -7.94
N GLU A 139 9.90 -1.60 -8.85
CA GLU A 139 8.92 -0.70 -9.46
C GLU A 139 7.90 -0.19 -8.44
N ILE A 140 7.50 -1.02 -7.48
CA ILE A 140 6.62 -0.54 -6.41
C ILE A 140 7.35 0.50 -5.56
N LEU A 141 8.62 0.23 -5.25
CA LEU A 141 9.39 1.19 -4.46
C LEU A 141 9.49 2.55 -5.14
N LYS A 142 9.55 2.58 -6.46
CA LYS A 142 9.58 3.88 -7.14
C LYS A 142 8.30 4.65 -6.87
N ALA A 143 7.15 3.96 -6.90
CA ALA A 143 5.88 4.65 -6.66
C ALA A 143 5.76 5.09 -5.21
N LEU A 144 6.18 4.23 -4.27
CA LEU A 144 6.08 4.59 -2.86
C LEU A 144 7.04 5.71 -2.49
N ASP A 145 8.28 5.67 -2.97
CA ASP A 145 9.16 6.79 -2.68
C ASP A 145 8.61 8.08 -3.28
N TYR A 146 7.99 7.98 -4.45
CA TYR A 146 7.42 9.18 -5.05
C TYR A 146 6.30 9.75 -4.20
N CYS A 147 5.28 8.95 -3.88
CA CYS A 147 4.17 9.49 -3.12
C CYS A 147 4.62 9.93 -1.72
N HIS A 148 5.52 9.18 -1.08
CA HIS A 148 6.03 9.63 0.21
C HIS A 148 6.77 10.95 0.08
N SER A 149 7.59 11.09 -0.96
CA SER A 149 8.32 12.34 -1.18
C SER A 149 7.36 13.49 -1.45
N MET A 150 6.15 13.18 -1.89
CA MET A 150 5.13 14.18 -2.16
C MET A 150 4.17 14.36 -1.00
N GLY A 151 4.50 13.82 0.18
CA GLY A 151 3.70 14.08 1.36
C GLY A 151 2.50 13.19 1.58
N ILE A 152 2.44 12.04 0.90
CA ILE A 152 1.24 11.22 0.88
C ILE A 152 1.62 9.79 1.24
N MET A 153 0.83 9.16 2.12
CA MET A 153 0.94 7.73 2.38
C MET A 153 -0.25 7.00 1.75
N HIS A 154 0.01 5.82 1.16
CA HIS A 154 -1.03 5.12 0.41
C HIS A 154 -2.03 4.47 1.35
N ARG A 155 -1.54 3.71 2.33
CA ARG A 155 -2.31 3.12 3.43
C ARG A 155 -3.15 1.93 3.00
N ASP A 156 -2.99 1.44 1.78
CA ASP A 156 -3.73 0.25 1.36
C ASP A 156 -2.90 -0.53 0.35
N VAL A 157 -1.61 -0.69 0.64
CA VAL A 157 -0.74 -1.47 -0.24
C VAL A 157 -1.06 -2.95 -0.05
N LYS A 158 -1.40 -3.62 -1.15
CA LYS A 158 -1.72 -5.04 -1.16
C LYS A 158 -1.72 -5.49 -2.62
N PRO A 159 -1.62 -6.80 -2.86
CA PRO A 159 -1.50 -7.28 -4.26
C PRO A 159 -2.61 -6.76 -5.19
N HIS A 160 -3.86 -6.74 -4.72
CA HIS A 160 -4.98 -6.28 -5.56
C HIS A 160 -4.84 -4.84 -6.00
N ASN A 161 -4.02 -4.04 -5.31
CA ASN A 161 -3.83 -2.64 -5.70
C ASN A 161 -2.54 -2.41 -6.47
N VAL A 162 -1.90 -3.47 -6.93
CA VAL A 162 -0.70 -3.37 -7.76
C VAL A 162 -1.05 -4.01 -9.10
N MET A 163 -1.37 -3.18 -10.09
CA MET A 163 -1.76 -3.66 -11.41
C MET A 163 -0.52 -3.91 -12.25
N ILE A 164 -0.37 -5.14 -12.76
CA ILE A 164 0.80 -5.53 -13.54
C ILE A 164 0.35 -5.97 -14.93
N ASP A 165 0.90 -5.33 -15.95
CA ASP A 165 0.84 -5.80 -17.33
C ASP A 165 2.17 -6.50 -17.56
N HIS A 166 2.18 -7.80 -17.34
CA HIS A 166 3.42 -8.56 -17.40
C HIS A 166 4.00 -8.58 -18.81
N GLU A 167 3.16 -8.42 -19.83
CA GLU A 167 3.65 -8.45 -21.21
C GLU A 167 4.56 -7.27 -21.49
N HIS A 168 4.24 -6.11 -20.94
CA HIS A 168 5.07 -4.91 -21.12
C HIS A 168 5.87 -4.58 -19.87
N ARG A 169 5.85 -5.46 -18.88
CA ARG A 169 6.58 -5.27 -17.62
C ARG A 169 6.28 -3.90 -17.03
N LYS A 170 4.99 -3.56 -17.04
CA LYS A 170 4.48 -2.27 -16.60
C LYS A 170 3.66 -2.44 -15.34
N LEU A 171 3.93 -1.61 -14.34
CA LEU A 171 3.27 -1.72 -13.04
C LEU A 171 2.65 -0.38 -12.69
N ARG A 172 1.48 -0.42 -12.06
CA ARG A 172 0.81 0.79 -11.58
C ARG A 172 0.20 0.55 -10.20
N LEU A 173 0.47 1.46 -9.27
CA LEU A 173 -0.13 1.44 -7.95
C LEU A 173 -1.48 2.15 -8.03
N ILE A 174 -2.56 1.45 -7.66
CA ILE A 174 -3.91 1.97 -7.87
C ILE A 174 -4.65 2.15 -6.54
N ASP A 175 -5.90 2.61 -6.64
CA ASP A 175 -6.85 2.84 -5.55
C ASP A 175 -6.35 3.67 -4.38
N TRP A 176 -6.13 4.95 -4.66
CA TRP A 176 -5.69 5.94 -3.69
C TRP A 176 -6.77 6.40 -2.73
N GLY A 177 -7.93 5.74 -2.74
CA GLY A 177 -9.06 6.16 -1.92
C GLY A 177 -8.88 6.12 -0.41
N LEU A 178 -7.88 5.38 0.09
CA LEU A 178 -7.52 5.42 1.51
C LEU A 178 -6.30 6.30 1.77
N ALA A 179 -5.65 6.83 0.74
CA ALA A 179 -4.41 7.57 0.93
C ALA A 179 -4.65 8.87 1.71
N GLU A 180 -3.63 9.34 2.41
CA GLU A 180 -3.75 10.57 3.18
C GLU A 180 -2.47 11.40 3.07
N PHE A 181 -2.63 12.70 3.33
CA PHE A 181 -1.48 13.58 3.51
C PHE A 181 -0.85 13.37 4.88
N TYR A 182 0.46 13.30 4.91
CA TYR A 182 1.21 13.15 6.16
C TYR A 182 1.47 14.53 6.75
N HIS A 183 1.02 14.74 7.98
CA HIS A 183 1.23 15.98 8.72
C HIS A 183 1.87 15.62 10.05
N PRO A 184 3.08 16.06 10.34
CA PRO A 184 3.73 15.70 11.61
C PRO A 184 2.83 15.96 12.81
N GLY A 185 2.68 14.93 13.65
CA GLY A 185 1.90 15.04 14.86
C GLY A 185 0.43 14.74 14.70
N GLN A 186 -0.04 14.50 13.47
CA GLN A 186 -1.45 14.22 13.24
C GLN A 186 -1.78 12.79 13.65
N GLU A 187 -2.95 12.60 14.25
CA GLU A 187 -3.43 11.27 14.59
C GLU A 187 -4.38 10.82 13.50
N TYR A 188 -4.19 9.59 13.03
CA TYR A 188 -4.95 9.06 11.90
C TYR A 188 -5.82 7.90 12.33
N ASN A 189 -6.84 7.62 11.51
CA ASN A 189 -7.68 6.44 11.69
C ASN A 189 -6.84 5.18 11.53
N VAL A 190 -6.96 4.25 12.49
CA VAL A 190 -6.21 3.00 12.36
C VAL A 190 -6.96 1.97 11.55
N ARG A 191 -8.22 2.25 11.18
CA ARG A 191 -9.03 1.33 10.37
C ARG A 191 -8.78 1.54 8.88
N VAL A 192 -7.51 1.37 8.51
CA VAL A 192 -7.07 1.41 7.13
C VAL A 192 -6.37 0.09 6.82
N ALA A 193 -6.14 -0.15 5.52
CA ALA A 193 -5.48 -1.35 4.97
C ALA A 193 -6.31 -2.62 5.14
N SER A 194 -6.02 -3.62 4.30
CA SER A 194 -6.64 -4.93 4.48
C SER A 194 -5.97 -5.66 5.64
N ARG A 195 -6.75 -6.48 6.35
CA ARG A 195 -6.27 -7.14 7.57
C ARG A 195 -4.85 -7.70 7.44
N TYR A 196 -4.58 -8.47 6.38
CA TYR A 196 -3.32 -9.19 6.32
C TYR A 196 -2.13 -8.26 6.16
N PHE A 197 -2.36 -7.00 5.80
CA PHE A 197 -1.30 -6.07 5.50
C PHE A 197 -1.25 -4.92 6.49
N LYS A 198 -2.08 -4.95 7.54
CA LYS A 198 -2.09 -3.90 8.55
C LYS A 198 -0.79 -3.95 9.35
N GLY A 199 -0.17 -2.78 9.54
CA GLY A 199 1.03 -2.72 10.34
C GLY A 199 0.73 -2.89 11.82
N PRO A 200 1.75 -3.31 12.60
CA PRO A 200 1.57 -3.37 14.07
C PRO A 200 1.01 -2.09 14.66
N GLU A 201 1.44 -0.92 14.18
CA GLU A 201 0.91 0.34 14.69
C GLU A 201 -0.62 0.37 14.64
N LEU A 202 -1.21 -0.11 13.54
CA LEU A 202 -2.67 -0.16 13.46
C LEU A 202 -3.24 -1.17 14.45
N LEU A 203 -2.60 -2.34 14.58
CA LEU A 203 -3.15 -3.43 15.39
C LEU A 203 -3.08 -3.13 16.88
N VAL A 204 -2.23 -2.20 17.31
CA VAL A 204 -2.17 -1.78 18.71
C VAL A 204 -2.78 -0.40 18.93
N ASP A 205 -3.45 0.15 17.91
CA ASP A 205 -4.20 1.40 18.03
C ASP A 205 -3.29 2.61 18.24
N TYR A 206 -2.09 2.60 17.65
CA TYR A 206 -1.20 3.76 17.69
C TYR A 206 -1.50 4.64 16.47
N GLN A 207 -1.98 5.85 16.74
CA GLN A 207 -2.57 6.65 15.68
C GLN A 207 -1.60 7.60 14.97
N MET A 208 -0.44 7.89 15.57
CA MET A 208 0.47 8.89 15.02
C MET A 208 1.51 8.24 14.10
N TYR A 209 1.01 7.52 13.10
CA TYR A 209 1.84 6.76 12.18
C TYR A 209 2.16 7.59 10.93
N ASP A 210 2.86 6.99 9.98
CA ASP A 210 3.37 7.76 8.86
C ASP A 210 3.61 6.85 7.65
N TYR A 211 4.45 7.33 6.72
CA TYR A 211 4.75 6.60 5.49
C TYR A 211 5.19 5.16 5.79
N SER A 212 5.88 4.95 6.91
CA SER A 212 6.43 3.64 7.19
C SER A 212 5.38 2.54 7.25
N LEU A 213 4.11 2.90 7.47
CA LEU A 213 3.05 1.90 7.40
C LEU A 213 3.08 1.16 6.05
N ASP A 214 3.29 1.89 4.95
CA ASP A 214 3.32 1.27 3.62
C ASP A 214 4.44 0.25 3.51
N MET A 215 5.54 0.45 4.26
CA MET A 215 6.68 -0.45 4.14
C MET A 215 6.42 -1.77 4.87
N TRP A 216 5.66 -1.75 5.96
CA TRP A 216 5.18 -3.02 6.53
C TRP A 216 4.32 -3.77 5.52
N SER A 217 3.31 -3.09 4.93
CA SER A 217 2.48 -3.75 3.94
C SER A 217 3.32 -4.33 2.83
N LEU A 218 4.31 -3.58 2.36
CA LEU A 218 5.16 -4.07 1.27
C LEU A 218 5.93 -5.30 1.72
N GLY A 219 6.39 -5.30 2.97
CA GLY A 219 7.05 -6.49 3.51
C GLY A 219 6.13 -7.69 3.51
N CYS A 220 4.87 -7.50 3.92
CA CYS A 220 3.92 -8.61 3.89
C CYS A 220 3.77 -9.16 2.49
N MET A 221 3.69 -8.29 1.47
CA MET A 221 3.62 -8.77 0.09
C MET A 221 4.88 -9.56 -0.28
N LEU A 222 6.06 -9.03 0.06
CA LEU A 222 7.30 -9.71 -0.28
C LEU A 222 7.36 -11.09 0.36
N ALA A 223 7.04 -11.16 1.65
CA ALA A 223 7.05 -12.45 2.33
C ALA A 223 6.14 -13.45 1.62
N SER A 224 4.95 -13.02 1.20
CA SER A 224 4.03 -13.94 0.54
CA SER A 224 4.03 -13.93 0.53
C SER A 224 4.60 -14.41 -0.79
N MET A 225 5.38 -13.57 -1.47
CA MET A 225 5.89 -13.92 -2.79
CA MET A 225 5.87 -13.95 -2.79
C MET A 225 7.07 -14.88 -2.69
N ILE A 226 8.09 -14.52 -1.91
CA ILE A 226 9.29 -15.36 -1.87
C ILE A 226 9.02 -16.68 -1.14
N PHE A 227 8.10 -16.70 -0.16
CA PHE A 227 7.83 -17.94 0.58
C PHE A 227 6.65 -18.72 0.02
N ARG A 228 5.94 -18.18 -0.98
CA ARG A 228 4.80 -18.85 -1.60
C ARG A 228 3.76 -19.23 -0.55
N LYS A 229 3.37 -18.24 0.24
CA LYS A 229 2.29 -18.38 1.22
C LYS A 229 1.51 -17.07 1.19
N GLU A 230 0.32 -17.07 0.60
CA GLU A 230 -0.43 -15.83 0.41
C GLU A 230 -1.80 -15.94 1.06
N PRO A 231 -2.15 -15.09 2.04
CA PRO A 231 -1.26 -14.06 2.59
C PRO A 231 -0.28 -14.68 3.59
N PHE A 232 0.80 -13.96 3.92
CA PHE A 232 1.81 -14.55 4.81
C PHE A 232 1.31 -14.59 6.25
N PHE A 233 0.89 -13.46 6.79
CA PHE A 233 0.30 -13.40 8.13
C PHE A 233 -1.21 -13.51 7.95
N HIS A 234 -1.77 -14.69 8.22
CA HIS A 234 -3.16 -15.02 7.86
C HIS A 234 -4.04 -15.06 9.10
N GLY A 235 -4.33 -13.87 9.65
CA GLY A 235 -5.15 -13.80 10.85
C GLY A 235 -6.64 -13.91 10.58
N HIS A 236 -7.35 -14.47 11.56
CA HIS A 236 -8.81 -14.61 11.48
C HIS A 236 -9.54 -13.31 11.76
N ASP A 237 -8.94 -12.44 12.56
CA ASP A 237 -9.46 -11.13 12.89
C ASP A 237 -8.27 -10.24 13.22
N ASN A 238 -8.55 -8.98 13.61
CA ASN A 238 -7.45 -8.04 13.84
C ASN A 238 -6.64 -8.40 15.09
N TYR A 239 -7.23 -9.13 16.03
CA TYR A 239 -6.51 -9.58 17.21
C TYR A 239 -5.61 -10.76 16.87
N ASP A 240 -6.19 -11.79 16.25
CA ASP A 240 -5.39 -12.94 15.81
C ASP A 240 -4.33 -12.50 14.82
N GLN A 241 -4.58 -11.41 14.10
CA GLN A 241 -3.57 -10.89 13.18
C GLN A 241 -2.29 -10.52 13.93
N LEU A 242 -2.42 -9.81 15.06
CA LEU A 242 -1.23 -9.46 15.82
C LEU A 242 -0.58 -10.69 16.43
N VAL A 243 -1.37 -11.68 16.85
CA VAL A 243 -0.80 -12.92 17.38
C VAL A 243 0.03 -13.62 16.31
N ARG A 244 -0.47 -13.66 15.07
CA ARG A 244 0.26 -14.33 14.00
C ARG A 244 1.59 -13.66 13.76
N ILE A 245 1.60 -12.33 13.81
CA ILE A 245 2.86 -11.59 13.65
C ILE A 245 3.81 -11.91 14.79
N ALA A 246 3.27 -11.93 16.03
CA ALA A 246 4.13 -12.14 17.20
C ALA A 246 4.71 -13.54 17.25
N LYS A 247 4.06 -14.51 16.61
CA LYS A 247 4.66 -15.84 16.55
C LYS A 247 5.87 -15.91 15.63
N VAL A 248 6.09 -14.89 14.82
CA VAL A 248 7.28 -14.79 13.97
C VAL A 248 8.29 -13.81 14.53
N LEU A 249 7.84 -12.58 14.82
CA LEU A 249 8.76 -11.57 15.32
CA LEU A 249 8.74 -11.55 15.32
C LEU A 249 9.01 -11.67 16.82
N GLY A 250 8.24 -12.47 17.54
CA GLY A 250 8.44 -12.68 18.97
C GLY A 250 7.69 -11.68 19.82
N THR A 251 7.36 -12.10 21.04
CA THR A 251 6.62 -11.22 21.94
C THR A 251 7.51 -10.24 22.68
N GLU A 252 8.79 -10.58 22.93
CA GLU A 252 9.64 -9.63 23.67
C GLU A 252 9.81 -8.34 22.88
N ASP A 253 9.96 -8.42 21.56
CA ASP A 253 10.15 -7.18 20.81
C ASP A 253 8.83 -6.44 20.63
N LEU A 254 7.71 -7.16 20.66
CA LEU A 254 6.42 -6.48 20.68
C LEU A 254 6.28 -5.64 21.94
N TYR A 255 6.64 -6.20 23.10
CA TYR A 255 6.59 -5.41 24.33
C TYR A 255 7.56 -4.24 24.27
N ASP A 256 8.77 -4.45 23.72
CA ASP A 256 9.69 -3.33 23.57
C ASP A 256 9.07 -2.20 22.76
N TYR A 257 8.35 -2.57 21.69
CA TYR A 257 7.71 -1.60 20.81
C TYR A 257 6.65 -0.80 21.56
N ILE A 258 5.71 -1.49 22.21
CA ILE A 258 4.63 -0.74 22.85
C ILE A 258 5.16 0.03 24.04
N ASP A 259 6.19 -0.49 24.70
CA ASP A 259 6.82 0.23 25.81
C ASP A 259 7.49 1.51 25.32
N LYS A 260 8.10 1.48 24.15
CA LYS A 260 8.75 2.69 23.62
C LYS A 260 7.74 3.82 23.42
N TYR A 261 6.53 3.50 22.96
CA TYR A 261 5.55 4.54 22.71
C TYR A 261 4.52 4.66 23.82
N ASN A 262 4.77 4.00 24.95
CA ASN A 262 3.86 4.00 26.10
C ASN A 262 2.46 3.57 25.66
N ILE A 263 2.41 2.52 24.82
CA ILE A 263 1.19 1.87 24.34
C ILE A 263 0.83 0.73 25.28
N GLU A 264 -0.47 0.52 25.46
CA GLU A 264 -1.00 -0.59 26.24
C GLU A 264 -1.76 -1.54 25.31
N LEU A 265 -1.47 -2.84 25.38
CA LEU A 265 -2.23 -3.78 24.58
C LEU A 265 -3.65 -3.91 25.13
N ASP A 266 -4.60 -4.11 24.22
CA ASP A 266 -5.95 -4.49 24.62
C ASP A 266 -5.85 -5.68 25.59
N PRO A 267 -6.46 -5.56 26.78
CA PRO A 267 -6.39 -6.70 27.72
C PRO A 267 -6.95 -8.00 27.15
N ARG A 268 -7.67 -7.96 26.02
CA ARG A 268 -8.13 -9.24 25.48
C ARG A 268 -6.99 -10.06 24.89
N PHE A 269 -5.81 -9.46 24.69
CA PHE A 269 -4.64 -10.23 24.29
C PHE A 269 -4.12 -11.13 25.42
N ASN A 270 -4.55 -10.89 26.66
CA ASN A 270 -3.96 -11.62 27.78
C ASN A 270 -4.19 -13.12 27.65
N ASP A 271 -5.33 -13.53 27.10
CA ASP A 271 -5.63 -14.95 26.97
C ASP A 271 -5.18 -15.56 25.66
N ILE A 272 -4.73 -14.78 24.68
CA ILE A 272 -4.47 -15.31 23.35
C ILE A 272 -3.05 -15.09 22.86
N LEU A 273 -2.28 -14.19 23.49
CA LEU A 273 -0.99 -13.81 22.89
C LEU A 273 0.12 -14.80 23.20
N GLY A 274 0.23 -15.28 24.43
CA GLY A 274 1.30 -16.21 24.79
C GLY A 274 2.69 -15.58 24.82
N ARG A 275 3.71 -16.44 24.92
CA ARG A 275 5.11 -16.05 24.83
C ARG A 275 5.72 -16.72 23.61
N HIS A 276 6.42 -15.94 22.78
CA HIS A 276 6.95 -16.45 21.52
C HIS A 276 8.34 -15.89 21.27
N SER A 277 9.29 -16.77 20.99
CA SER A 277 10.61 -16.36 20.56
C SER A 277 10.54 -15.72 19.17
N ARG A 278 11.52 -14.87 18.87
CA ARG A 278 11.68 -14.39 17.50
C ARG A 278 12.27 -15.50 16.65
N LYS A 279 11.73 -15.68 15.45
CA LYS A 279 12.15 -16.78 14.58
C LYS A 279 13.15 -16.27 13.54
N ARG A 280 13.92 -17.20 12.98
CA ARG A 280 14.80 -16.90 11.87
C ARG A 280 14.06 -17.19 10.57
N TRP A 281 14.25 -16.32 9.57
CA TRP A 281 13.43 -16.38 8.37
C TRP A 281 13.66 -17.67 7.59
N GLU A 282 14.83 -18.30 7.77
CA GLU A 282 15.15 -19.54 7.08
C GLU A 282 14.13 -20.64 7.38
N ARG A 283 13.43 -20.56 8.52
CA ARG A 283 12.45 -21.59 8.85
C ARG A 283 11.34 -21.68 7.80
N PHE A 284 11.09 -20.60 7.07
CA PHE A 284 10.02 -20.58 6.09
C PHE A 284 10.46 -21.03 4.71
N VAL A 285 11.73 -21.39 4.55
CA VAL A 285 12.27 -21.85 3.27
C VAL A 285 12.03 -23.34 3.13
N HIS A 286 11.57 -23.77 1.95
CA HIS A 286 11.42 -25.19 1.66
C HIS A 286 11.69 -25.43 0.19
N SER A 287 11.64 -26.70 -0.23
CA SER A 287 12.04 -27.04 -1.59
C SER A 287 11.14 -26.38 -2.64
N GLU A 288 9.94 -25.98 -2.27
CA GLU A 288 9.05 -25.39 -3.27
C GLU A 288 9.14 -23.87 -3.37
N ASN A 289 9.87 -23.21 -2.48
CA ASN A 289 10.11 -21.78 -2.61
C ASN A 289 11.58 -21.38 -2.63
N GLN A 290 12.51 -22.33 -2.51
CA GLN A 290 13.91 -21.93 -2.33
C GLN A 290 14.48 -21.22 -3.56
N HIS A 291 13.93 -21.47 -4.75
CA HIS A 291 14.37 -20.72 -5.91
C HIS A 291 14.05 -19.23 -5.83
N LEU A 292 13.20 -18.82 -4.88
CA LEU A 292 12.81 -17.44 -4.70
C LEU A 292 13.55 -16.77 -3.55
N VAL A 293 14.33 -17.53 -2.78
CA VAL A 293 14.96 -17.04 -1.56
C VAL A 293 16.46 -16.92 -1.79
N SER A 294 17.03 -15.86 -1.23
CA SER A 294 18.46 -15.63 -1.21
C SER A 294 18.79 -14.96 0.11
N PRO A 295 20.07 -14.95 0.51
CA PRO A 295 20.43 -14.15 1.68
C PRO A 295 20.01 -12.70 1.56
N GLU A 296 20.12 -12.13 0.35
CA GLU A 296 19.70 -10.75 0.16
C GLU A 296 18.21 -10.59 0.37
N ALA A 297 17.41 -11.55 -0.13
CA ALA A 297 15.97 -11.47 0.05
C ALA A 297 15.59 -11.50 1.51
N LEU A 298 16.24 -12.37 2.28
CA LEU A 298 15.85 -12.50 3.68
C LEU A 298 16.27 -11.28 4.47
N ASP A 299 17.43 -10.70 4.14
CA ASP A 299 17.85 -9.53 4.89
C ASP A 299 16.96 -8.34 4.59
N PHE A 300 16.58 -8.19 3.32
CA PHE A 300 15.67 -7.12 2.93
C PHE A 300 14.32 -7.25 3.62
N LEU A 301 13.74 -8.46 3.57
CA LEU A 301 12.49 -8.71 4.28
C LEU A 301 12.64 -8.38 5.76
N ASP A 302 13.71 -8.88 6.39
CA ASP A 302 13.94 -8.65 7.81
C ASP A 302 13.95 -7.16 8.14
N LYS A 303 14.41 -6.33 7.22
CA LYS A 303 14.54 -4.90 7.47
C LYS A 303 13.27 -4.12 7.16
N LEU A 304 12.30 -4.74 6.48
CA LEU A 304 10.97 -4.17 6.30
C LEU A 304 10.04 -4.52 7.44
N LEU A 305 10.06 -5.78 7.88
CA LEU A 305 9.09 -6.25 8.88
C LEU A 305 9.68 -6.03 10.28
N ARG A 306 9.58 -4.79 10.74
CA ARG A 306 9.89 -4.38 12.10
C ARG A 306 8.61 -3.93 12.78
N TYR A 307 8.40 -4.36 14.03
CA TYR A 307 7.33 -3.76 14.84
C TYR A 307 7.44 -2.25 14.83
N ASP A 308 8.63 -1.73 15.16
CA ASP A 308 8.81 -0.29 15.32
C ASP A 308 8.79 0.38 13.95
N HIS A 309 7.71 1.12 13.68
CA HIS A 309 7.60 1.78 12.38
C HIS A 309 8.81 2.69 12.11
N GLN A 310 9.40 3.26 13.16
CA GLN A 310 10.57 4.11 12.98
C GLN A 310 11.82 3.33 12.56
N SER A 311 11.82 2.01 12.69
CA SER A 311 13.01 1.21 12.40
C SER A 311 13.00 0.59 11.01
N ARG A 312 11.89 0.64 10.29
CA ARG A 312 11.81 -0.01 8.99
C ARG A 312 12.59 0.81 7.96
N LEU A 313 13.07 0.14 6.91
CA LEU A 313 13.66 0.83 5.78
C LEU A 313 12.67 1.84 5.22
N THR A 314 13.15 3.02 4.85
CA THR A 314 12.33 3.89 4.03
C THR A 314 12.32 3.36 2.60
N ALA A 315 11.44 3.93 1.77
CA ALA A 315 11.39 3.47 0.39
C ALA A 315 12.72 3.68 -0.31
N ARG A 316 13.36 4.84 -0.10
CA ARG A 316 14.64 5.10 -0.74
C ARG A 316 15.74 4.20 -0.19
N GLU A 317 15.81 4.02 1.13
CA GLU A 317 16.76 3.07 1.68
C GLU A 317 16.57 1.69 1.07
N ALA A 318 15.32 1.25 0.92
CA ALA A 318 15.05 -0.06 0.35
C ALA A 318 15.62 -0.20 -1.06
N MET A 319 15.49 0.85 -1.88
CA MET A 319 16.03 0.76 -3.23
CA MET A 319 16.03 0.80 -3.24
C MET A 319 17.56 0.70 -3.25
N GLU A 320 18.22 1.02 -2.15
CA GLU A 320 19.67 0.86 -2.06
C GLU A 320 20.09 -0.56 -1.70
N HIS A 321 19.14 -1.46 -1.40
CA HIS A 321 19.48 -2.73 -0.78
C HIS A 321 20.11 -3.69 -1.80
N PRO A 322 21.07 -4.53 -1.37
CA PRO A 322 21.72 -5.46 -2.31
C PRO A 322 20.77 -6.39 -3.04
N TYR A 323 19.59 -6.66 -2.49
CA TYR A 323 18.58 -7.49 -3.16
C TYR A 323 18.31 -7.02 -4.60
N PHE A 324 18.45 -5.72 -4.87
CA PHE A 324 18.17 -5.17 -6.19
C PHE A 324 19.41 -5.04 -7.06
N TYR A 325 20.57 -5.47 -6.58
CA TYR A 325 21.79 -5.38 -7.38
C TYR A 325 21.67 -6.12 -8.70
N THR A 326 20.90 -7.22 -8.75
CA THR A 326 20.81 -7.99 -9.98
C THR A 326 19.77 -7.43 -10.95
N VAL A 327 18.90 -6.54 -10.50
CA VAL A 327 17.87 -5.95 -11.36
C VAL A 327 18.50 -4.97 -12.34
N VAL A 328 18.21 -5.12 -13.64
CA VAL A 328 18.74 -4.22 -14.64
C VAL A 328 18.11 -2.84 -14.46
N LYS A 329 18.96 -1.82 -14.31
CA LYS A 329 18.50 -0.45 -14.17
C LYS A 329 18.45 0.22 -15.55
N ASP A 330 17.45 1.07 -15.74
CA ASP A 330 17.32 1.80 -17.00
C ASP A 330 18.04 3.15 -16.93
C1 EDO B . 3.28 -18.09 8.45
O1 EDO B . 3.66 -19.06 9.43
C2 EDO B . 3.39 -16.69 9.04
O2 EDO B . 2.19 -16.41 9.78
C01 TO6 C . -10.30 0.46 -7.31
C03 TO6 C . -8.94 1.69 -8.81
C04 TO6 C . -8.25 2.85 -9.12
C06 TO6 C . -7.58 2.98 -10.34
C07 TO6 C . -7.62 1.92 -11.25
C08 TO6 C . -8.33 0.75 -10.95
C09 TO6 C . -8.97 0.64 -9.72
C10 TO6 C . -8.26 -0.36 -12.00
C11 TO6 C . -8.78 -1.57 -11.96
C12 TO6 C . -9.63 -2.09 -10.80
C14 TO6 C . -8.56 -2.55 -13.11
C17 TO6 C . -7.90 -3.59 -14.97
C18 TO6 C . -7.77 -2.40 -14.27
C19 TO6 C . -6.93 -1.21 -14.71
N13 TO6 C . -10.27 -2.47 -9.94
N15 TO6 C . -9.10 -3.77 -13.15
N16 TO6 C . -8.68 -4.38 -14.31
N20 TO6 C . -6.30 -0.32 -15.06
N21 TO6 C . -7.27 -3.88 -16.24
O02 TO6 C . -9.59 1.63 -7.56
O05 TO6 C . -8.24 3.88 -8.17
S SO4 D . 11.69 -4.52 15.87
O1 SO4 D . 12.22 -5.25 17.03
O2 SO4 D . 10.79 -3.46 16.32
O3 SO4 D . 12.79 -3.88 15.16
O4 SO4 D . 11.01 -5.47 14.96
S SO4 E . -10.05 7.64 6.75
O1 SO4 E . -10.31 6.72 7.85
O2 SO4 E . -10.91 8.82 6.86
O3 SO4 E . -8.66 8.06 6.80
O4 SO4 E . -10.31 6.94 5.48
S SO4 F . -11.02 -2.78 9.92
O1 SO4 F . -10.66 -2.48 11.30
O2 SO4 F . -12.42 -2.44 9.69
O3 SO4 F . -10.17 -2.01 9.00
O4 SO4 F . -10.82 -4.20 9.68
#